data_4DQV
#
_entry.id   4DQV
#
_cell.length_a   59.058
_cell.length_b   59.058
_cell.length_c   238.988
_cell.angle_alpha   90.00
_cell.angle_beta   90.00
_cell.angle_gamma   120.00
#
_symmetry.space_group_name_H-M   'P 31 2 1'
#
loop_
_entity.id
_entity.type
_entity.pdbx_description
1 polymer 'PROBABLE PEPTIDE SYNTHETASE NRP (PEPTIDE SYNTHASE)'
2 water water
#
_entity_poly.entity_id   1
_entity_poly.type   'polypeptide(L)'
_entity_poly.pdbx_seq_one_letter_code
;(MSE)GSSHHHHHHSSGLVPRGSH(MSE)GRDARPTSDPRLVSVHGDNPTEVHASDLTLDRFIDADTLATAVNLPGPSPE
LRTVLLTGATGFLGRYLVLELLRRLDVDGRLICLVRAESDEDARRRLEKTFDSGDPELLRHFKELAADRLEVVAGDKSEP
DLGLDQP(MSE)WRRLAETVDLIVDSAA(MSE)VNAFPYHELFGPNVAGTAELIRIALTTKLKPFTYVSTADVGAAIEPS
AFTEDADIRVISPTRTVDGGWAGGYGTSKWAGEVLLREANDLCALPVAVFRCG(MSE)ILADTSYAGQLN(MSE)SDWVT
R(MSE)VLSL(MSE)ATGIAPRSFYEPDSEGNRQRAHFDGLPVTFVAEAIAVLGARVAGSSLAGFATYHV(MSE)NPHDD
GIGLDEYVDWLIEAGYPIRRIDDFAEWLQRFEASLGALPDRQRRHSVLP(MSE)LLASNSQRLQPLKPTRGCSAPTDRFR
AAVRAAKVGSDKDNPDIPHVSAPTIINYVTNLQLLGLL
;
_entity_poly.pdbx_strand_id   A
#
# COMPACT_ATOMS: atom_id res chain seq x y z
N THR A 42 -15.28 -15.83 -13.91
CA THR A 42 -16.29 -14.92 -14.53
C THR A 42 -15.74 -13.50 -14.78
N GLU A 43 -16.37 -12.79 -15.72
CA GLU A 43 -15.94 -11.46 -16.13
C GLU A 43 -16.70 -10.33 -15.45
N VAL A 44 -15.96 -9.35 -14.95
CA VAL A 44 -16.53 -8.14 -14.39
C VAL A 44 -16.11 -6.95 -15.25
N HIS A 45 -17.07 -6.11 -15.62
CA HIS A 45 -16.83 -4.98 -16.52
C HIS A 45 -16.86 -3.65 -15.77
N ALA A 46 -16.01 -2.72 -16.22
CA ALA A 46 -15.96 -1.36 -15.67
C ALA A 46 -17.33 -0.66 -15.78
N SER A 47 -17.96 -0.82 -16.94
CA SER A 47 -19.29 -0.23 -17.21
C SER A 47 -20.38 -0.64 -16.21
N ASP A 48 -20.15 -1.72 -15.48
CA ASP A 48 -21.11 -2.21 -14.48
C ASP A 48 -20.89 -1.65 -13.09
N LEU A 49 -19.75 -1.00 -12.87
CA LEU A 49 -19.44 -0.42 -11.56
C LEU A 49 -19.83 1.05 -11.55
N THR A 50 -21.14 1.29 -11.71
CA THR A 50 -21.69 2.62 -11.71
C THR A 50 -22.25 2.91 -10.32
N LEU A 51 -22.17 4.18 -9.90
CA LEU A 51 -22.52 4.57 -8.54
C LEU A 51 -23.99 4.31 -8.18
N ASP A 52 -24.87 4.45 -9.17
CA ASP A 52 -26.31 4.19 -8.99
C ASP A 52 -26.61 2.79 -8.43
N ARG A 53 -25.67 1.87 -8.62
CA ARG A 53 -25.81 0.48 -8.14
C ARG A 53 -25.41 0.32 -6.68
N PHE A 54 -24.96 1.41 -6.06
CA PHE A 54 -24.45 1.35 -4.69
C PHE A 54 -24.98 2.47 -3.83
N ILE A 55 -25.24 3.62 -4.45
CA ILE A 55 -25.62 4.81 -3.73
C ILE A 55 -27.00 5.27 -4.20
N ASP A 56 -27.83 5.72 -3.26
CA ASP A 56 -29.18 6.15 -3.57
C ASP A 56 -29.20 7.44 -4.40
N ALA A 57 -30.22 7.56 -5.24
CA ALA A 57 -30.32 8.65 -6.22
C ALA A 57 -30.32 10.03 -5.56
N ASP A 58 -30.99 10.15 -4.42
CA ASP A 58 -31.08 11.44 -3.72
C ASP A 58 -29.68 12.00 -3.36
N THR A 59 -28.85 11.14 -2.80
CA THR A 59 -27.45 11.44 -2.52
C THR A 59 -26.73 11.88 -3.79
N LEU A 60 -26.87 11.10 -4.86
CA LEU A 60 -26.17 11.38 -6.12
C LEU A 60 -26.61 12.68 -6.78
N ALA A 61 -27.90 12.98 -6.66
CA ALA A 61 -28.48 14.20 -7.20
C ALA A 61 -28.03 15.44 -6.43
N THR A 62 -28.04 15.34 -5.11
CA THR A 62 -27.59 16.44 -4.26
C THR A 62 -26.11 16.74 -4.51
N ALA A 63 -25.34 15.68 -4.76
CA ALA A 63 -23.89 15.78 -4.94
C ALA A 63 -23.45 16.63 -6.12
N VAL A 64 -24.21 16.59 -7.22
CA VAL A 64 -23.93 17.41 -8.40
C VAL A 64 -23.92 18.91 -8.04
N ASN A 65 -24.79 19.30 -7.10
CA ASN A 65 -24.89 20.70 -6.68
C ASN A 65 -24.24 21.00 -5.32
N LEU A 66 -23.41 20.06 -4.86
CA LEU A 66 -22.75 20.19 -3.58
C LEU A 66 -21.58 21.15 -3.69
N PRO A 67 -21.36 21.98 -2.65
CA PRO A 67 -20.22 22.88 -2.66
C PRO A 67 -18.91 22.10 -2.72
N GLY A 68 -18.08 22.44 -3.69
CA GLY A 68 -16.72 21.91 -3.82
C GLY A 68 -15.97 21.94 -2.50
N PRO A 69 -14.90 21.14 -2.39
CA PRO A 69 -14.27 20.84 -1.11
C PRO A 69 -13.78 22.08 -0.35
N SER A 70 -13.73 21.96 0.97
CA SER A 70 -13.09 22.99 1.78
C SER A 70 -11.57 22.88 1.62
N PRO A 71 -10.90 24.01 1.33
CA PRO A 71 -9.44 24.03 1.22
C PRO A 71 -8.72 23.83 2.56
N GLU A 72 -9.49 23.65 3.63
CA GLU A 72 -8.92 23.55 4.95
C GLU A 72 -8.90 22.11 5.38
N LEU A 73 -7.72 21.67 5.82
CA LEU A 73 -7.54 20.34 6.29
C LEU A 73 -7.61 20.32 7.80
N ARG A 74 -8.75 19.89 8.33
CA ARG A 74 -8.91 19.80 9.77
C ARG A 74 -9.20 18.37 10.22
N THR A 75 -10.10 17.69 9.53
CA THR A 75 -10.53 16.35 9.94
C THR A 75 -10.29 15.33 8.83
N VAL A 76 -9.54 14.28 9.16
CA VAL A 76 -9.21 13.23 8.21
C VAL A 76 -9.79 11.91 8.69
N LEU A 77 -10.39 11.17 7.76
CA LEU A 77 -10.85 9.82 8.04
C LEU A 77 -9.91 8.81 7.35
N LEU A 78 -9.36 7.90 8.14
CA LEU A 78 -8.40 6.92 7.66
C LEU A 78 -8.96 5.53 7.88
N THR A 79 -8.92 4.70 6.84
CA THR A 79 -9.25 3.28 6.99
C THR A 79 -7.94 2.49 6.92
N GLY A 80 -7.92 1.30 7.56
CA GLY A 80 -6.78 0.39 7.51
C GLY A 80 -5.61 0.82 8.36
N ALA A 81 -5.89 1.64 9.38
CA ALA A 81 -4.85 2.14 10.28
C ALA A 81 -4.00 1.04 10.94
N THR A 82 -4.56 -0.15 11.15
CA THR A 82 -3.84 -1.26 11.78
C THR A 82 -2.89 -1.96 10.82
N GLY A 83 -3.10 -1.77 9.52
CA GLY A 83 -2.26 -2.40 8.51
C GLY A 83 -0.84 -1.88 8.51
N PHE A 84 0.03 -2.55 7.75
CA PHE A 84 1.45 -2.22 7.65
C PHE A 84 1.69 -0.80 7.14
N LEU A 85 1.10 -0.46 6.00
CA LEU A 85 1.18 0.91 5.53
C LEU A 85 0.35 1.87 6.42
N GLY A 86 -0.85 1.45 6.79
CA GLY A 86 -1.77 2.29 7.56
C GLY A 86 -1.20 2.89 8.83
N ARG A 87 -0.44 2.08 9.58
CA ARG A 87 0.16 2.53 10.83
C ARG A 87 1.15 3.66 10.58
N TYR A 88 1.85 3.61 9.45
CA TYR A 88 2.75 4.69 9.08
C TYR A 88 1.99 5.96 8.66
N LEU A 89 0.81 5.76 8.07
CA LEU A 89 -0.07 6.85 7.65
C LEU A 89 -0.72 7.56 8.83
N VAL A 90 -1.04 6.80 9.88
CA VAL A 90 -1.42 7.41 11.15
C VAL A 90 -0.39 8.46 11.53
N LEU A 91 0.89 8.07 11.56
CA LEU A 91 1.93 8.99 11.99
C LEU A 91 2.06 10.20 11.06
N GLU A 92 2.07 9.95 9.75
CA GLU A 92 2.26 11.01 8.75
C GLU A 92 1.08 11.96 8.66
N LEU A 93 -0.14 11.43 8.71
CA LEU A 93 -1.33 12.28 8.68
C LEU A 93 -1.42 13.16 9.92
N LEU A 94 -1.04 12.64 11.08
CA LEU A 94 -1.03 13.45 12.29
C LEU A 94 -0.01 14.59 12.20
N ARG A 95 1.15 14.31 11.59
CA ARG A 95 2.18 15.30 11.32
C ARG A 95 1.71 16.44 10.42
N ARG A 96 0.86 16.12 9.45
CA ARG A 96 0.33 17.13 8.53
C ARG A 96 -0.73 18.01 9.20
N LEU A 97 -1.44 17.44 10.16
CA LEU A 97 -2.53 18.15 10.84
C LEU A 97 -2.02 19.17 11.87
N ASP A 98 -2.76 20.27 11.98
CA ASP A 98 -2.49 21.34 12.94
C ASP A 98 -2.95 20.93 14.34
N VAL A 99 -2.73 21.81 15.32
CA VAL A 99 -3.12 21.56 16.72
C VAL A 99 -4.64 21.42 16.84
N ASP A 100 -5.36 22.06 15.94
CA ASP A 100 -6.83 21.94 15.89
C ASP A 100 -7.29 20.77 15.01
N GLY A 101 -6.35 19.96 14.54
CA GLY A 101 -6.65 18.86 13.63
C GLY A 101 -7.18 17.62 14.32
N ARG A 102 -7.83 16.76 13.53
CA ARG A 102 -8.35 15.49 14.07
C ARG A 102 -8.26 14.36 13.05
N LEU A 103 -7.71 13.23 13.50
CA LEU A 103 -7.65 12.03 12.67
C LEU A 103 -8.62 11.00 13.22
N ILE A 104 -9.53 10.55 12.36
CA ILE A 104 -10.49 9.54 12.76
C ILE A 104 -10.14 8.24 12.05
N CYS A 105 -9.83 7.22 12.84
CA CYS A 105 -9.49 5.91 12.33
C CYS A 105 -10.63 4.92 12.53
N LEU A 106 -11.16 4.41 11.42
CA LEU A 106 -12.16 3.36 11.40
C LEU A 106 -11.43 2.03 11.54
N VAL A 107 -11.75 1.30 12.60
CA VAL A 107 -11.04 0.07 12.97
C VAL A 107 -12.05 -1.04 13.30
N ARG A 108 -11.79 -2.26 12.83
CA ARG A 108 -12.68 -3.40 13.07
C ARG A 108 -12.60 -3.86 14.53
N ALA A 109 -13.74 -3.78 15.24
CA ALA A 109 -13.85 -4.22 16.62
C ALA A 109 -15.29 -4.23 17.13
N GLU A 110 -15.49 -4.75 18.34
CA GLU A 110 -16.81 -4.89 18.94
C GLU A 110 -17.28 -3.56 19.50
N SER A 111 -16.37 -2.84 20.14
CA SER A 111 -16.65 -1.50 20.64
C SER A 111 -15.52 -0.55 20.28
N ASP A 112 -15.78 0.73 20.50
CA ASP A 112 -14.79 1.78 20.25
C ASP A 112 -13.57 1.60 21.16
N GLU A 113 -13.82 1.11 22.38
CA GLU A 113 -12.76 0.75 23.32
C GLU A 113 -11.90 -0.36 22.74
N ASP A 114 -12.54 -1.38 22.18
CA ASP A 114 -11.83 -2.49 21.56
C ASP A 114 -11.05 -2.03 20.32
N ALA A 115 -11.61 -1.06 19.58
CA ALA A 115 -10.95 -0.50 18.40
C ALA A 115 -9.74 0.36 18.80
N ARG A 116 -9.93 1.25 19.77
CA ARG A 116 -8.87 2.13 20.23
C ARG A 116 -7.69 1.35 20.80
N ARG A 117 -7.99 0.24 21.48
CA ARG A 117 -6.97 -0.63 22.06
C ARG A 117 -6.23 -1.46 21.00
N ARG A 118 -6.98 -1.96 20.01
CA ARG A 118 -6.38 -2.71 18.89
C ARG A 118 -5.36 -1.84 18.16
N LEU A 119 -5.65 -0.55 18.02
CA LEU A 119 -4.74 0.38 17.38
C LEU A 119 -3.60 0.84 18.30
N GLU A 120 -3.89 1.01 19.60
CA GLU A 120 -2.83 1.28 20.57
C GLU A 120 -1.75 0.21 20.59
N LYS A 121 -2.17 -1.06 20.51
CA LYS A 121 -1.26 -2.20 20.44
C LYS A 121 -0.37 -2.20 19.20
N THR A 122 -0.82 -1.53 18.14
CA THR A 122 -0.05 -1.43 16.90
C THR A 122 1.27 -0.70 17.14
N PHE A 123 1.20 0.37 17.93
CA PHE A 123 2.37 1.20 18.22
C PHE A 123 3.05 0.82 19.55
N ASP A 124 2.61 -0.28 20.16
CA ASP A 124 3.28 -0.83 21.35
C ASP A 124 3.97 -2.14 20.97
N SER A 125 4.87 -2.07 19.99
CA SER A 125 5.48 -3.26 19.41
C SER A 125 7.01 -3.26 19.53
N GLY A 126 7.50 -3.43 20.76
CA GLY A 126 8.92 -3.58 21.02
C GLY A 126 9.81 -2.42 20.56
N ASP A 127 9.22 -1.27 20.32
CA ASP A 127 9.99 -0.05 20.07
C ASP A 127 9.39 1.08 20.89
N PRO A 128 10.16 1.59 21.86
CA PRO A 128 9.75 2.70 22.73
C PRO A 128 9.66 4.03 22.00
N GLU A 129 10.46 4.21 20.96
CA GLU A 129 10.44 5.42 20.15
C GLU A 129 9.17 5.50 19.29
N LEU A 130 8.70 4.34 18.81
CA LEU A 130 7.46 4.27 18.04
C LEU A 130 6.26 4.67 18.90
N LEU A 131 6.23 4.14 20.13
CA LEU A 131 5.21 4.46 21.10
C LEU A 131 5.24 5.94 21.52
N ARG A 132 6.45 6.50 21.68
CA ARG A 132 6.59 7.88 22.09
C ARG A 132 6.11 8.85 21.01
N HIS A 133 6.49 8.60 19.76
CA HIS A 133 6.04 9.43 18.64
C HIS A 133 4.53 9.36 18.49
N PHE A 134 3.99 8.15 18.52
CA PHE A 134 2.56 7.92 18.41
C PHE A 134 1.78 8.72 19.45
N LYS A 135 2.03 8.43 20.74
CA LYS A 135 1.36 9.09 21.87
C LYS A 135 1.41 10.62 21.75
N GLU A 136 2.59 11.16 21.47
CA GLU A 136 2.74 12.61 21.27
C GLU A 136 1.89 13.13 20.11
N LEU A 137 1.96 12.48 18.95
CA LEU A 137 1.23 12.93 17.75
C LEU A 137 -0.27 12.72 17.87
N ALA A 138 -0.66 11.66 18.58
CA ALA A 138 -2.06 11.27 18.72
C ALA A 138 -2.81 12.09 19.79
N ALA A 139 -2.05 12.71 20.70
CA ALA A 139 -2.61 13.37 21.88
C ALA A 139 -3.68 14.40 21.56
N ASP A 140 -4.93 14.09 21.94
CA ASP A 140 -6.10 14.96 21.77
C ASP A 140 -6.53 15.21 20.31
N ARG A 141 -5.85 14.52 19.39
CA ARG A 141 -6.15 14.67 17.99
C ARG A 141 -6.58 13.34 17.39
N LEU A 142 -6.51 12.27 18.17
CA LEU A 142 -6.84 10.95 17.65
C LEU A 142 -8.18 10.43 18.13
N GLU A 143 -9.00 10.01 17.18
CA GLU A 143 -10.24 9.35 17.47
C GLU A 143 -10.27 8.02 16.73
N VAL A 144 -10.61 6.95 17.44
CA VAL A 144 -10.69 5.62 16.86
C VAL A 144 -12.10 5.07 17.04
N VAL A 145 -12.74 4.67 15.94
CA VAL A 145 -14.11 4.18 15.98
C VAL A 145 -14.23 2.78 15.42
N ALA A 146 -15.05 1.97 16.07
CA ALA A 146 -15.31 0.61 15.64
C ALA A 146 -16.22 0.62 14.43
N GLY A 147 -15.85 -0.14 13.41
CA GLY A 147 -16.67 -0.23 12.21
C GLY A 147 -16.03 -1.01 11.09
N ASP A 148 -16.86 -1.41 10.13
CA ASP A 148 -16.42 -2.15 8.96
C ASP A 148 -16.76 -1.33 7.74
N LYS A 149 -15.73 -1.03 6.94
CA LYS A 149 -15.86 -0.31 5.67
C LYS A 149 -16.94 -0.89 4.74
N SER A 150 -17.02 -2.21 4.64
CA SER A 150 -17.96 -2.88 3.74
C SER A 150 -19.43 -2.86 4.19
N GLU A 151 -19.66 -2.79 5.50
CA GLU A 151 -21.02 -2.73 6.06
C GLU A 151 -21.66 -1.37 5.73
N PRO A 152 -23.01 -1.34 5.58
CA PRO A 152 -23.66 -0.06 5.35
C PRO A 152 -23.34 0.91 6.48
N ASP A 153 -23.26 2.20 6.13
CA ASP A 153 -22.87 3.26 7.08
C ASP A 153 -21.52 2.98 7.76
N LEU A 154 -20.69 2.17 7.10
CA LEU A 154 -19.38 1.75 7.66
C LEU A 154 -19.50 1.04 9.01
N GLY A 155 -20.71 0.52 9.28
CA GLY A 155 -20.99 -0.17 10.54
C GLY A 155 -21.01 0.78 11.70
N LEU A 156 -21.42 2.02 11.45
CA LEU A 156 -21.43 3.07 12.47
C LEU A 156 -22.86 3.46 12.82
N ASP A 157 -23.04 4.04 14.00
CA ASP A 157 -24.30 4.66 14.42
C ASP A 157 -24.63 5.84 13.50
N GLN A 158 -25.92 6.15 13.35
CA GLN A 158 -26.34 7.27 12.51
C GLN A 158 -25.73 8.62 12.93
N PRO A 159 -25.67 8.91 14.25
CA PRO A 159 -25.06 10.18 14.67
C PRO A 159 -23.57 10.30 14.35
N MSE A 160 -22.82 9.22 14.52
CA MSE A 160 -21.41 9.20 14.14
C MSE A 160 -21.24 9.39 12.63
O MSE A 160 -20.45 10.22 12.19
CB MSE A 160 -20.73 7.92 14.60
CG MSE A 160 -19.24 7.85 14.25
SE MSE A 160 -18.21 9.37 14.98
CE MSE A 160 -18.11 8.71 16.80
N TRP A 161 -22.01 8.64 11.85
CA TRP A 161 -21.96 8.72 10.40
C TRP A 161 -22.28 10.13 9.89
N ARG A 162 -23.34 10.73 10.42
CA ARG A 162 -23.72 12.09 10.06
C ARG A 162 -22.62 13.10 10.41
N ARG A 163 -22.05 12.96 11.61
CA ARG A 163 -20.93 13.80 12.05
C ARG A 163 -19.75 13.69 11.10
N LEU A 164 -19.45 12.48 10.64
CA LEU A 164 -18.35 12.25 9.70
C LEU A 164 -18.64 12.91 8.35
N ALA A 165 -19.84 12.69 7.84
CA ALA A 165 -20.28 13.33 6.60
C ALA A 165 -20.25 14.87 6.70
N GLU A 166 -20.49 15.41 7.88
CA GLU A 166 -20.45 16.86 8.06
C GLU A 166 -19.02 17.41 8.10
N THR A 167 -18.14 16.74 8.85
CA THR A 167 -16.84 17.31 9.26
C THR A 167 -15.60 16.86 8.44
N VAL A 168 -15.65 15.66 7.88
CA VAL A 168 -14.44 15.08 7.26
C VAL A 168 -13.99 15.89 6.06
N ASP A 169 -12.72 16.29 6.08
CA ASP A 169 -12.14 17.09 5.00
C ASP A 169 -11.35 16.29 3.99
N LEU A 170 -11.03 15.04 4.34
CA LEU A 170 -10.19 14.19 3.52
C LEU A 170 -10.38 12.75 3.97
N ILE A 171 -10.60 11.88 3.00
CA ILE A 171 -10.73 10.46 3.22
C ILE A 171 -9.49 9.78 2.66
N VAL A 172 -8.83 8.98 3.50
CA VAL A 172 -7.68 8.20 3.08
C VAL A 172 -8.02 6.72 3.25
N ASP A 173 -8.09 6.04 2.10
CA ASP A 173 -8.46 4.64 2.01
C ASP A 173 -7.22 3.78 1.81
N SER A 174 -6.67 3.28 2.91
CA SER A 174 -5.45 2.48 2.88
C SER A 174 -5.74 0.98 2.93
N ALA A 175 -5.17 0.28 1.96
CA ALA A 175 -5.23 -1.16 1.88
C ALA A 175 -4.74 -1.78 3.18
N ALA A 176 -5.63 -2.52 3.85
CA ALA A 176 -5.30 -3.16 5.12
C ALA A 176 -4.19 -4.20 4.93
N MSE A 177 -4.26 -4.90 3.81
CA MSE A 177 -3.22 -5.84 3.38
C MSE A 177 -2.58 -5.21 2.14
O MSE A 177 -3.29 -4.81 1.21
CB MSE A 177 -3.87 -7.18 3.04
CG MSE A 177 -3.17 -8.43 3.58
SE MSE A 177 -3.41 -8.83 5.50
CE MSE A 177 -1.62 -8.39 6.17
N VAL A 178 -1.25 -5.08 2.13
CA VAL A 178 -0.50 -4.63 0.95
C VAL A 178 0.52 -5.69 0.51
N ASN A 179 0.52 -5.98 -0.79
CA ASN A 179 1.47 -6.91 -1.40
C ASN A 179 1.50 -8.34 -0.82
N ALA A 180 0.40 -8.76 -0.20
CA ALA A 180 0.32 -10.09 0.43
C ALA A 180 0.33 -11.20 -0.62
N PHE A 181 0.97 -12.34 -0.30
CA PHE A 181 0.94 -13.50 -1.20
C PHE A 181 -0.40 -14.23 -1.15
N PRO A 182 -0.84 -14.64 0.05
CA PRO A 182 -2.20 -15.14 0.05
C PRO A 182 -3.13 -13.94 -0.06
N TYR A 183 -3.15 -13.29 -1.23
CA TYR A 183 -4.14 -12.24 -1.45
C TYR A 183 -5.39 -12.79 -2.10
N HIS A 184 -6.44 -12.79 -1.29
CA HIS A 184 -7.70 -13.41 -1.62
C HIS A 184 -8.76 -12.49 -1.04
N GLU A 185 -9.16 -11.50 -1.82
CA GLU A 185 -10.18 -10.59 -1.35
C GLU A 185 -11.49 -10.85 -2.08
N LEU A 186 -12.56 -10.97 -1.29
CA LEU A 186 -13.90 -11.07 -1.83
C LEU A 186 -14.29 -9.74 -2.49
N PHE A 187 -14.60 -9.83 -3.78
CA PHE A 187 -14.89 -8.69 -4.65
C PHE A 187 -16.09 -7.89 -4.14
N GLY A 188 -17.18 -8.59 -3.83
CA GLY A 188 -18.41 -7.98 -3.33
C GLY A 188 -18.16 -6.98 -2.20
N PRO A 189 -17.71 -7.46 -1.03
CA PRO A 189 -17.42 -6.61 0.13
C PRO A 189 -16.37 -5.53 -0.13
N ASN A 190 -15.36 -5.83 -0.94
CA ASN A 190 -14.39 -4.84 -1.38
C ASN A 190 -15.05 -3.64 -2.05
N VAL A 191 -15.69 -3.90 -3.19
CA VAL A 191 -16.42 -2.88 -3.94
C VAL A 191 -17.48 -2.16 -3.10
N ALA A 192 -18.25 -2.91 -2.31
CA ALA A 192 -19.25 -2.29 -1.44
C ALA A 192 -18.62 -1.32 -0.44
N GLY A 193 -17.40 -1.64 0.00
CA GLY A 193 -16.66 -0.82 0.95
C GLY A 193 -16.26 0.52 0.37
N THR A 194 -15.65 0.49 -0.82
CA THR A 194 -15.26 1.71 -1.51
C THR A 194 -16.48 2.59 -1.80
N ALA A 195 -17.59 1.95 -2.18
CA ALA A 195 -18.82 2.66 -2.45
C ALA A 195 -19.34 3.37 -1.19
N GLU A 196 -19.28 2.68 -0.05
CA GLU A 196 -19.64 3.29 1.22
C GLU A 196 -18.76 4.51 1.57
N LEU A 197 -17.48 4.46 1.22
CA LEU A 197 -16.58 5.60 1.49
C LEU A 197 -16.90 6.76 0.57
N ILE A 198 -17.14 6.43 -0.70
CA ILE A 198 -17.54 7.41 -1.71
C ILE A 198 -18.86 8.08 -1.28
N ARG A 199 -19.75 7.28 -0.70
CA ARG A 199 -21.03 7.77 -0.25
C ARG A 199 -20.87 8.87 0.80
N ILE A 200 -20.00 8.64 1.78
CA ILE A 200 -19.76 9.64 2.81
C ILE A 200 -19.04 10.86 2.21
N ALA A 201 -18.20 10.61 1.21
CA ALA A 201 -17.55 11.66 0.42
C ALA A 201 -18.52 12.47 -0.45
N LEU A 202 -19.70 11.92 -0.73
CA LEU A 202 -20.69 12.66 -1.50
C LEU A 202 -21.88 13.22 -0.68
N THR A 203 -21.91 13.06 0.64
CA THR A 203 -23.19 13.31 1.33
C THR A 203 -23.58 14.76 1.66
N THR A 204 -22.75 15.45 2.45
CA THR A 204 -23.13 16.77 2.99
C THR A 204 -22.21 17.84 2.40
N LYS A 205 -20.94 17.47 2.23
CA LYS A 205 -19.99 18.26 1.47
C LYS A 205 -19.06 17.31 0.73
N LEU A 206 -18.52 17.76 -0.40
CA LEU A 206 -17.63 16.95 -1.22
C LEU A 206 -16.29 16.77 -0.52
N LYS A 207 -15.79 15.53 -0.50
CA LYS A 207 -14.54 15.26 0.21
C LYS A 207 -13.49 14.68 -0.73
N PRO A 208 -12.32 15.33 -0.80
CA PRO A 208 -11.14 14.75 -1.41
C PRO A 208 -10.91 13.30 -0.95
N PHE A 209 -10.63 12.43 -1.92
CA PHE A 209 -10.52 11.00 -1.64
C PHE A 209 -9.14 10.49 -2.08
N THR A 210 -8.38 9.98 -1.11
CA THR A 210 -7.06 9.37 -1.35
C THR A 210 -7.22 7.85 -1.33
N TYR A 211 -6.82 7.21 -2.42
CA TYR A 211 -7.02 5.80 -2.58
C TYR A 211 -5.70 5.12 -2.81
N VAL A 212 -5.38 4.20 -1.92
CA VAL A 212 -4.18 3.42 -2.05
C VAL A 212 -4.49 2.23 -2.97
N SER A 213 -3.75 2.19 -4.07
CA SER A 213 -3.96 1.16 -5.07
C SER A 213 -2.64 0.41 -5.26
N THR A 214 -2.52 -0.30 -6.37
CA THR A 214 -1.33 -1.09 -6.60
C THR A 214 -0.90 -1.09 -8.05
N ALA A 215 0.41 -1.27 -8.25
CA ALA A 215 0.99 -1.46 -9.57
C ALA A 215 0.41 -2.66 -10.31
N ASP A 216 -0.05 -3.66 -9.56
CA ASP A 216 -0.64 -4.89 -10.12
C ASP A 216 -1.91 -4.65 -10.94
N VAL A 217 -2.51 -3.48 -10.79
CA VAL A 217 -3.61 -3.09 -11.65
C VAL A 217 -3.17 -3.15 -13.13
N GLY A 218 -1.88 -2.96 -13.38
CA GLY A 218 -1.35 -2.99 -14.74
C GLY A 218 -0.83 -4.32 -15.28
N ALA A 219 -1.04 -5.41 -14.53
CA ALA A 219 -0.51 -6.75 -14.90
C ALA A 219 -0.93 -7.26 -16.29
N ALA A 220 -2.18 -7.02 -16.67
CA ALA A 220 -2.67 -7.51 -17.97
C ALA A 220 -2.72 -6.44 -19.05
N ILE A 221 -2.21 -5.24 -18.74
CA ILE A 221 -2.33 -4.11 -19.65
C ILE A 221 -1.03 -3.87 -20.41
N GLU A 222 -1.15 -3.44 -21.67
CA GLU A 222 0.00 -3.10 -22.50
C GLU A 222 0.83 -2.04 -21.79
N PRO A 223 2.16 -2.25 -21.71
CA PRO A 223 3.03 -1.32 -20.98
C PRO A 223 2.90 0.15 -21.41
N SER A 224 2.77 0.40 -22.71
CA SER A 224 2.64 1.76 -23.24
C SER A 224 1.37 2.44 -22.77
N ALA A 225 0.33 1.65 -22.51
CA ALA A 225 -0.98 2.19 -22.15
C ALA A 225 -1.14 2.41 -20.65
N PHE A 226 -0.33 1.71 -19.85
CA PHE A 226 -0.44 1.74 -18.39
C PHE A 226 0.29 2.96 -17.83
N THR A 227 -0.39 4.10 -17.86
CA THR A 227 0.22 5.36 -17.48
C THR A 227 -0.53 5.99 -16.31
N GLU A 228 0.01 7.09 -15.78
CA GLU A 228 -0.64 7.80 -14.69
C GLU A 228 -1.84 8.62 -15.16
N ASP A 229 -1.78 9.15 -16.37
CA ASP A 229 -2.83 10.01 -16.91
C ASP A 229 -4.06 9.25 -17.42
N ALA A 230 -3.91 7.95 -17.67
CA ALA A 230 -4.97 7.17 -18.31
C ALA A 230 -6.21 7.00 -17.44
N ASP A 231 -7.37 7.00 -18.09
CA ASP A 231 -8.62 6.62 -17.46
C ASP A 231 -8.62 5.09 -17.37
N ILE A 232 -8.68 4.58 -16.14
CA ILE A 232 -8.61 3.15 -15.88
C ILE A 232 -9.72 2.36 -16.60
N ARG A 233 -10.86 3.01 -16.81
CA ARG A 233 -12.01 2.40 -17.49
C ARG A 233 -11.75 2.18 -18.99
N VAL A 234 -10.99 3.08 -19.60
CA VAL A 234 -10.61 2.94 -21.01
C VAL A 234 -9.59 1.83 -21.20
N ILE A 235 -8.50 1.88 -20.44
CA ILE A 235 -7.36 0.96 -20.60
C ILE A 235 -7.54 -0.41 -19.94
N SER A 236 -8.56 -0.53 -19.08
CA SER A 236 -8.87 -1.80 -18.46
C SER A 236 -10.38 -1.94 -18.27
N PRO A 237 -11.10 -2.19 -19.36
CA PRO A 237 -12.56 -2.21 -19.32
C PRO A 237 -13.13 -3.47 -18.67
N THR A 238 -12.32 -4.53 -18.56
CA THR A 238 -12.80 -5.81 -18.04
C THR A 238 -11.76 -6.66 -17.31
N ARG A 239 -12.21 -7.34 -16.26
CA ARG A 239 -11.38 -8.21 -15.45
C ARG A 239 -12.09 -9.56 -15.20
N THR A 240 -11.49 -10.38 -14.35
CA THR A 240 -12.06 -11.67 -13.98
C THR A 240 -11.86 -11.94 -12.49
N VAL A 241 -12.80 -12.70 -11.91
CA VAL A 241 -12.63 -13.27 -10.57
C VAL A 241 -12.81 -14.78 -10.65
N ASP A 242 -12.50 -15.51 -9.57
CA ASP A 242 -12.71 -16.97 -9.55
C ASP A 242 -14.18 -17.34 -9.32
N GLY A 243 -14.45 -18.64 -9.10
CA GLY A 243 -15.81 -19.14 -8.88
C GLY A 243 -16.44 -18.76 -7.56
N GLY A 244 -15.62 -18.32 -6.60
CA GLY A 244 -16.13 -17.89 -5.29
C GLY A 244 -16.22 -16.38 -5.17
N TRP A 245 -16.25 -15.71 -6.32
CA TRP A 245 -16.27 -14.24 -6.45
C TRP A 245 -15.11 -13.50 -5.74
N ALA A 246 -13.98 -14.17 -5.59
CA ALA A 246 -12.81 -13.59 -4.95
C ALA A 246 -11.82 -13.09 -5.99
N GLY A 247 -11.19 -11.97 -5.70
CA GLY A 247 -10.28 -11.35 -6.66
C GLY A 247 -8.87 -11.19 -6.13
N GLY A 248 -7.92 -11.11 -7.07
CA GLY A 248 -6.52 -10.86 -6.78
C GLY A 248 -6.29 -9.39 -6.45
N TYR A 249 -5.09 -9.10 -5.97
CA TYR A 249 -4.72 -7.76 -5.53
C TYR A 249 -5.01 -6.69 -6.61
N GLY A 250 -4.61 -6.98 -7.85
CA GLY A 250 -4.86 -6.11 -8.99
C GLY A 250 -6.33 -5.81 -9.24
N THR A 251 -7.17 -6.84 -9.16
CA THR A 251 -8.59 -6.68 -9.51
C THR A 251 -9.36 -5.96 -8.40
N SER A 252 -8.96 -6.24 -7.17
CA SER A 252 -9.52 -5.61 -6.00
C SER A 252 -9.39 -4.08 -6.05
N LYS A 253 -8.17 -3.61 -6.33
CA LYS A 253 -7.90 -2.18 -6.36
C LYS A 253 -8.48 -1.51 -7.61
N TRP A 254 -8.42 -2.24 -8.73
CA TRP A 254 -9.00 -1.83 -9.99
C TRP A 254 -10.43 -1.34 -9.82
N ALA A 255 -11.25 -2.17 -9.20
CA ALA A 255 -12.66 -1.84 -9.00
C ALA A 255 -12.83 -0.53 -8.21
N GLY A 256 -11.95 -0.31 -7.25
CA GLY A 256 -11.94 0.93 -6.48
C GLY A 256 -11.60 2.13 -7.35
N GLU A 257 -10.61 1.98 -8.21
CA GLU A 257 -10.24 3.05 -9.13
C GLU A 257 -11.38 3.40 -10.07
N VAL A 258 -12.06 2.35 -10.58
CA VAL A 258 -13.18 2.52 -11.50
C VAL A 258 -14.31 3.28 -10.84
N LEU A 259 -14.70 2.85 -9.64
CA LEU A 259 -15.74 3.54 -8.87
C LEU A 259 -15.39 5.01 -8.59
N LEU A 260 -14.11 5.30 -8.32
CA LEU A 260 -13.65 6.68 -8.06
C LEU A 260 -13.66 7.56 -9.31
N ARG A 261 -13.38 6.95 -10.46
CA ARG A 261 -13.51 7.62 -11.74
C ARG A 261 -14.95 8.03 -11.97
N GLU A 262 -15.88 7.15 -11.62
CA GLU A 262 -17.32 7.42 -11.74
C GLU A 262 -17.74 8.57 -10.84
N ALA A 263 -17.28 8.55 -9.59
CA ALA A 263 -17.53 9.68 -8.67
C ALA A 263 -16.95 11.00 -9.19
N ASN A 264 -15.80 10.93 -9.85
CA ASN A 264 -15.22 12.12 -10.47
C ASN A 264 -16.05 12.65 -11.64
N ASP A 265 -16.54 11.76 -12.50
CA ASP A 265 -17.37 12.15 -13.65
C ASP A 265 -18.70 12.77 -13.22
N LEU A 266 -19.39 12.07 -12.34
CA LEU A 266 -20.74 12.40 -11.93
C LEU A 266 -20.78 13.66 -11.08
N CYS A 267 -19.81 13.78 -10.18
CA CYS A 267 -19.92 14.72 -9.07
C CYS A 267 -18.68 15.59 -8.86
N ALA A 268 -17.70 15.47 -9.76
CA ALA A 268 -16.44 16.23 -9.66
C ALA A 268 -15.66 16.00 -8.35
N LEU A 269 -15.80 14.81 -7.77
CA LEU A 269 -15.06 14.44 -6.56
C LEU A 269 -13.54 14.49 -6.82
N PRO A 270 -12.81 15.27 -6.00
CA PRO A 270 -11.36 15.32 -6.14
C PRO A 270 -10.76 14.02 -5.65
N VAL A 271 -9.96 13.37 -6.50
CA VAL A 271 -9.46 12.03 -6.23
C VAL A 271 -7.96 11.95 -6.48
N ALA A 272 -7.25 11.32 -5.55
CA ALA A 272 -5.85 10.99 -5.73
C ALA A 272 -5.64 9.48 -5.53
N VAL A 273 -5.21 8.82 -6.60
CA VAL A 273 -4.93 7.38 -6.59
C VAL A 273 -3.43 7.11 -6.54
N PHE A 274 -3.00 6.32 -5.56
CA PHE A 274 -1.59 6.00 -5.41
C PHE A 274 -1.35 4.51 -5.70
N ARG A 275 -0.82 4.22 -6.90
CA ARG A 275 -0.48 2.84 -7.29
C ARG A 275 0.92 2.51 -6.78
N CYS A 276 1.01 1.72 -5.72
CA CYS A 276 2.27 1.39 -5.08
C CYS A 276 2.86 0.10 -5.64
N GLY A 277 4.19 0.04 -5.68
CA GLY A 277 4.88 -1.19 -6.01
C GLY A 277 5.19 -1.87 -4.68
N MSE A 278 6.29 -2.60 -4.63
CA MSE A 278 6.70 -3.26 -3.40
C MSE A 278 7.06 -2.22 -2.33
O MSE A 278 7.86 -1.32 -2.60
CB MSE A 278 7.87 -4.23 -3.64
CG MSE A 278 8.27 -5.04 -2.40
SE MSE A 278 6.92 -6.36 -1.86
CE MSE A 278 6.88 -7.36 -3.53
N ILE A 279 6.48 -2.38 -1.15
CA ILE A 279 6.73 -1.48 -0.01
C ILE A 279 7.63 -2.16 1.04
N LEU A 280 8.77 -1.55 1.30
CA LEU A 280 9.77 -2.17 2.16
C LEU A 280 9.67 -1.68 3.58
N ALA A 281 9.89 -2.60 4.53
CA ALA A 281 10.12 -2.24 5.92
C ALA A 281 11.33 -1.32 5.93
N ASP A 282 11.40 -0.42 6.91
CA ASP A 282 12.62 0.37 7.07
C ASP A 282 13.02 0.53 8.51
N THR A 283 14.07 1.32 8.69
CA THR A 283 14.77 1.48 9.95
C THR A 283 14.23 2.64 10.80
N SER A 284 13.19 3.32 10.33
CA SER A 284 12.56 4.36 11.14
C SER A 284 12.26 3.78 12.53
N TYR A 285 11.55 2.66 12.54
CA TYR A 285 11.24 1.95 13.77
C TYR A 285 11.59 0.47 13.62
N ALA A 286 11.83 -0.18 14.74
CA ALA A 286 12.10 -1.59 14.79
C ALA A 286 10.81 -2.38 14.95
N GLY A 287 10.77 -3.58 14.38
CA GLY A 287 9.69 -4.54 14.64
C GLY A 287 8.50 -4.44 13.72
N GLN A 288 8.59 -3.60 12.70
CA GLN A 288 7.47 -3.34 11.80
C GLN A 288 7.70 -4.03 10.47
N LEU A 289 7.00 -5.14 10.30
CA LEU A 289 7.25 -6.03 9.21
C LEU A 289 5.96 -6.39 8.49
N ASN A 290 6.03 -6.44 7.17
CA ASN A 290 4.95 -6.94 6.35
C ASN A 290 5.17 -8.42 6.03
N MSE A 291 4.88 -9.24 7.02
CA MSE A 291 5.24 -10.66 7.04
C MSE A 291 4.89 -11.43 5.77
O MSE A 291 5.64 -12.31 5.33
CB MSE A 291 4.55 -11.35 8.23
CG MSE A 291 5.21 -12.65 8.66
SE MSE A 291 7.08 -12.42 9.14
CE MSE A 291 6.88 -11.08 10.55
N SER A 292 3.74 -11.12 5.17
CA SER A 292 3.22 -11.96 4.10
C SER A 292 3.71 -11.57 2.71
N ASP A 293 4.47 -10.49 2.59
CA ASP A 293 4.93 -10.12 1.26
C ASP A 293 6.12 -10.97 0.80
N TRP A 294 6.40 -10.93 -0.50
CA TRP A 294 7.43 -11.75 -1.11
C TRP A 294 8.83 -11.46 -0.53
N VAL A 295 9.13 -10.18 -0.29
CA VAL A 295 10.46 -9.79 0.19
C VAL A 295 10.75 -10.30 1.60
N THR A 296 9.83 -10.08 2.53
CA THR A 296 10.01 -10.56 3.90
C THR A 296 10.15 -12.09 3.92
N ARG A 297 9.34 -12.78 3.10
CA ARG A 297 9.41 -14.23 2.97
C ARG A 297 10.75 -14.70 2.40
N MSE A 298 11.25 -13.98 1.41
CA MSE A 298 12.52 -14.30 0.77
C MSE A 298 13.71 -14.13 1.68
O MSE A 298 14.57 -15.01 1.75
CB MSE A 298 12.74 -13.50 -0.50
CG MSE A 298 12.61 -14.31 -1.76
SE MSE A 298 13.89 -15.78 -1.93
CE MSE A 298 13.49 -16.26 -3.77
N VAL A 299 13.77 -12.99 2.38
CA VAL A 299 14.86 -12.78 3.32
C VAL A 299 14.85 -13.90 4.37
N LEU A 300 13.66 -14.23 4.87
CA LEU A 300 13.49 -15.34 5.81
C LEU A 300 14.00 -16.63 5.21
N SER A 301 13.64 -16.87 3.95
CA SER A 301 14.01 -18.11 3.27
C SER A 301 15.51 -18.20 3.01
N LEU A 302 16.11 -17.11 2.58
CA LEU A 302 17.55 -17.05 2.32
C LEU A 302 18.36 -17.24 3.61
N MSE A 303 17.94 -16.59 4.69
CA MSE A 303 18.58 -16.74 6.01
C MSE A 303 18.50 -18.15 6.61
O MSE A 303 19.51 -18.72 7.01
CB MSE A 303 17.97 -15.76 7.02
CG MSE A 303 18.39 -14.29 6.85
SE MSE A 303 20.33 -14.05 7.01
CE MSE A 303 20.76 -14.15 5.11
N ALA A 304 17.29 -18.70 6.68
CA ALA A 304 17.06 -19.97 7.36
C ALA A 304 17.64 -21.14 6.59
N THR A 305 17.78 -20.96 5.28
CA THR A 305 18.32 -21.96 4.39
C THR A 305 19.85 -21.81 4.20
N GLY A 306 20.35 -20.58 4.32
CA GLY A 306 21.77 -20.32 4.17
C GLY A 306 22.23 -20.26 2.74
N ILE A 307 21.35 -20.58 1.78
CA ILE A 307 21.76 -20.66 0.37
C ILE A 307 21.05 -19.69 -0.56
N ALA A 308 21.85 -18.96 -1.34
CA ALA A 308 21.36 -18.04 -2.37
C ALA A 308 21.97 -18.47 -3.69
N PRO A 309 21.37 -18.06 -4.83
CA PRO A 309 22.01 -18.33 -6.11
C PRO A 309 23.06 -17.28 -6.44
N ARG A 310 23.94 -17.58 -7.38
CA ARG A 310 24.95 -16.63 -7.84
C ARG A 310 24.26 -15.37 -8.38
N SER A 311 23.23 -15.58 -9.20
CA SER A 311 22.36 -14.53 -9.67
C SER A 311 20.92 -15.02 -9.78
N PHE A 312 19.98 -14.14 -9.46
CA PHE A 312 18.55 -14.40 -9.59
C PHE A 312 18.09 -14.15 -11.01
N TYR A 313 18.90 -13.41 -11.75
CA TYR A 313 18.58 -12.96 -13.09
C TYR A 313 19.45 -13.70 -14.09
N GLU A 314 18.94 -13.84 -15.32
CA GLU A 314 19.71 -14.40 -16.43
C GLU A 314 21.10 -13.75 -16.54
N PRO A 315 22.14 -14.57 -16.71
CA PRO A 315 23.48 -14.03 -16.97
C PRO A 315 23.60 -13.61 -18.43
N ASP A 316 24.61 -12.81 -18.75
CA ASP A 316 24.86 -12.42 -20.14
C ASP A 316 25.44 -13.59 -20.95
N SER A 317 25.79 -13.31 -22.20
CA SER A 317 26.39 -14.32 -23.08
C SER A 317 27.68 -14.89 -22.48
N GLU A 318 28.44 -14.02 -21.82
CA GLU A 318 29.70 -14.38 -21.16
C GLU A 318 29.45 -15.03 -19.78
N GLY A 319 28.18 -15.26 -19.45
CA GLY A 319 27.80 -15.93 -18.20
C GLY A 319 27.82 -15.06 -16.96
N ASN A 320 28.04 -13.75 -17.14
CA ASN A 320 28.15 -12.79 -16.02
C ASN A 320 26.83 -12.14 -15.56
N ARG A 321 26.89 -11.56 -14.37
CA ARG A 321 25.75 -10.98 -13.68
C ARG A 321 25.34 -9.64 -14.28
N GLN A 322 24.10 -9.55 -14.75
CA GLN A 322 23.62 -8.36 -15.46
C GLN A 322 23.05 -7.32 -14.50
N ARG A 323 23.27 -6.05 -14.83
CA ARG A 323 22.67 -4.92 -14.13
C ARG A 323 21.16 -5.10 -14.01
N ALA A 324 20.66 -4.99 -12.77
CA ALA A 324 19.24 -5.17 -12.52
C ALA A 324 18.76 -4.11 -11.53
N HIS A 325 17.45 -3.93 -11.44
CA HIS A 325 16.85 -3.01 -10.48
C HIS A 325 15.60 -3.61 -9.85
N PHE A 326 15.55 -3.61 -8.52
CA PHE A 326 14.33 -4.03 -7.85
C PHE A 326 13.47 -2.83 -7.46
N ASP A 327 12.17 -2.92 -7.77
CA ASP A 327 11.24 -1.83 -7.49
C ASP A 327 10.70 -1.92 -6.06
N GLY A 328 11.40 -1.26 -5.14
CA GLY A 328 10.99 -1.22 -3.74
C GLY A 328 11.17 0.16 -3.15
N LEU A 329 10.25 0.53 -2.27
CA LEU A 329 10.28 1.81 -1.57
C LEU A 329 10.07 1.60 -0.08
N PRO A 330 10.84 2.31 0.74
CA PRO A 330 10.64 2.23 2.18
C PRO A 330 9.28 2.78 2.56
N VAL A 331 8.61 2.10 3.50
CA VAL A 331 7.26 2.42 3.92
C VAL A 331 7.13 3.84 4.44
N THR A 332 8.18 4.33 5.10
CA THR A 332 8.20 5.71 5.59
C THR A 332 7.99 6.70 4.45
N PHE A 333 8.72 6.51 3.35
CA PHE A 333 8.62 7.36 2.18
C PHE A 333 7.23 7.31 1.56
N VAL A 334 6.68 6.10 1.44
CA VAL A 334 5.41 5.88 0.79
C VAL A 334 4.29 6.54 1.60
N ALA A 335 4.28 6.31 2.91
CA ALA A 335 3.31 6.93 3.78
C ALA A 335 3.38 8.45 3.69
N GLU A 336 4.60 8.97 3.73
CA GLU A 336 4.81 10.41 3.62
C GLU A 336 4.29 10.90 2.27
N ALA A 337 4.65 10.20 1.19
CA ALA A 337 4.26 10.62 -0.14
C ALA A 337 2.75 10.68 -0.23
N ILE A 338 2.10 9.61 0.23
CA ILE A 338 0.64 9.53 0.23
C ILE A 338 0.02 10.62 1.08
N ALA A 339 0.53 10.82 2.29
CA ALA A 339 -0.05 11.82 3.18
C ALA A 339 0.12 13.22 2.61
N VAL A 340 1.31 13.51 2.10
CA VAL A 340 1.60 14.84 1.54
C VAL A 340 0.82 15.14 0.25
N LEU A 341 0.87 14.22 -0.72
CA LEU A 341 0.23 14.46 -2.02
C LEU A 341 -1.29 14.33 -1.99
N GLY A 342 -1.81 13.49 -1.09
CA GLY A 342 -3.26 13.38 -0.90
C GLY A 342 -3.83 14.56 -0.13
N ALA A 343 -3.06 15.06 0.85
CA ALA A 343 -3.52 16.13 1.74
C ALA A 343 -3.58 17.51 1.06
N ARG A 344 -2.80 17.68 0.00
CA ARG A 344 -2.69 18.98 -0.68
C ARG A 344 -3.82 19.20 -1.69
N VAL A 345 -4.52 18.13 -2.02
CA VAL A 345 -5.76 18.23 -2.79
C VAL A 345 -6.77 19.01 -1.93
N ALA A 346 -6.77 18.71 -0.63
CA ALA A 346 -7.59 19.40 0.37
C ALA A 346 -6.95 20.70 0.85
N SER A 348 -4.54 22.90 0.27
CA SER A 348 -4.92 23.59 -0.95
C SER A 348 -6.31 23.15 -1.43
N SER A 349 -6.68 23.52 -2.65
CA SER A 349 -7.93 23.01 -3.23
C SER A 349 -7.72 22.66 -4.70
N LEU A 350 -6.92 21.61 -4.91
CA LEU A 350 -6.61 21.13 -6.25
C LEU A 350 -7.79 20.33 -6.79
N ALA A 351 -8.27 20.73 -7.96
CA ALA A 351 -9.37 20.05 -8.60
C ALA A 351 -8.83 18.87 -9.43
N GLY A 352 -9.67 17.86 -9.64
CA GLY A 352 -9.38 16.86 -10.66
C GLY A 352 -9.06 15.46 -10.18
N PHE A 353 -8.92 14.55 -11.15
CA PHE A 353 -8.59 13.17 -10.87
C PHE A 353 -7.09 13.02 -11.11
N ALA A 354 -6.39 12.48 -10.12
CA ALA A 354 -4.93 12.28 -10.23
C ALA A 354 -4.52 10.88 -9.84
N THR A 355 -3.68 10.27 -10.66
CA THR A 355 -3.04 8.99 -10.35
C THR A 355 -1.54 9.19 -10.24
N TYR A 356 -0.92 8.51 -9.26
CA TYR A 356 0.52 8.55 -9.08
C TYR A 356 1.08 7.13 -9.00
N HIS A 357 2.15 6.88 -9.75
CA HIS A 357 2.82 5.59 -9.66
C HIS A 357 3.88 5.65 -8.58
N VAL A 358 3.52 5.16 -7.39
CA VAL A 358 4.40 5.21 -6.24
C VAL A 358 5.38 4.05 -6.33
N MSE A 359 6.45 4.26 -7.08
CA MSE A 359 7.38 3.19 -7.38
C MSE A 359 8.79 3.73 -7.46
O MSE A 359 9.00 4.93 -7.58
CB MSE A 359 7.01 2.51 -8.70
CG MSE A 359 5.56 2.11 -8.83
SE MSE A 359 5.05 1.42 -10.59
CE MSE A 359 5.90 2.73 -11.71
N ASN A 360 9.74 2.82 -7.41
CA ASN A 360 11.15 3.14 -7.50
C ASN A 360 11.59 2.97 -8.96
N PRO A 361 11.85 4.08 -9.69
CA PRO A 361 12.13 4.00 -11.13
C PRO A 361 13.61 4.14 -11.49
N HIS A 362 14.47 4.18 -10.49
CA HIS A 362 15.89 4.42 -10.72
C HIS A 362 16.55 3.29 -11.50
N ASP A 363 17.38 3.68 -12.47
CA ASP A 363 18.28 2.76 -13.15
C ASP A 363 19.60 2.84 -12.37
N ASP A 364 19.63 2.18 -11.21
CA ASP A 364 20.70 2.31 -10.23
C ASP A 364 21.53 1.05 -10.09
N GLY A 365 21.14 0.01 -10.81
CA GLY A 365 21.82 -1.27 -10.75
C GLY A 365 21.65 -1.94 -9.40
N ILE A 366 20.56 -1.61 -8.71
CA ILE A 366 20.30 -2.17 -7.39
C ILE A 366 19.08 -3.11 -7.39
N GLY A 367 19.38 -4.40 -7.47
CA GLY A 367 18.38 -5.45 -7.56
C GLY A 367 18.59 -6.53 -6.53
N LEU A 368 17.92 -7.66 -6.73
CA LEU A 368 17.97 -8.77 -5.79
C LEU A 368 19.38 -9.27 -5.45
N ASP A 369 20.26 -9.34 -6.44
CA ASP A 369 21.64 -9.81 -6.23
C ASP A 369 22.41 -8.89 -5.27
N GLU A 370 22.14 -7.60 -5.36
CA GLU A 370 22.75 -6.62 -4.44
C GLU A 370 22.24 -6.81 -3.02
N TYR A 371 20.97 -7.19 -2.88
CA TYR A 371 20.36 -7.40 -1.56
C TYR A 371 21.09 -8.54 -0.90
N VAL A 372 21.29 -9.62 -1.67
CA VAL A 372 22.05 -10.78 -1.23
C VAL A 372 23.48 -10.39 -0.89
N ASP A 373 24.14 -9.62 -1.77
CA ASP A 373 25.48 -9.09 -1.48
C ASP A 373 25.53 -8.45 -0.11
N TRP A 374 24.56 -7.58 0.17
CA TRP A 374 24.53 -6.83 1.43
C TRP A 374 24.38 -7.73 2.68
N LEU A 375 23.58 -8.78 2.56
CA LEU A 375 23.41 -9.76 3.63
C LEU A 375 24.70 -10.54 3.89
N ILE A 376 25.32 -11.02 2.81
CA ILE A 376 26.62 -11.70 2.90
C ILE A 376 27.68 -10.78 3.54
N GLU A 377 27.75 -9.54 3.08
CA GLU A 377 28.76 -8.57 3.56
C GLU A 377 28.55 -8.18 5.02
N ALA A 378 27.32 -8.28 5.48
CA ALA A 378 27.01 -8.00 6.89
C ALA A 378 27.42 -9.16 7.81
N GLY A 379 27.86 -10.28 7.22
CA GLY A 379 28.36 -11.43 7.98
C GLY A 379 27.33 -12.51 8.29
N TYR A 380 26.16 -12.44 7.65
CA TYR A 380 25.13 -13.45 7.82
C TYR A 380 25.44 -14.75 7.10
N PRO A 381 25.06 -15.89 7.72
CA PRO A 381 25.44 -17.19 7.18
C PRO A 381 24.67 -17.54 5.92
N ILE A 382 25.02 -16.85 4.84
CA ILE A 382 24.47 -17.13 3.53
C ILE A 382 25.60 -17.25 2.51
N ARG A 383 25.55 -18.32 1.72
CA ARG A 383 26.52 -18.55 0.65
C ARG A 383 25.77 -18.76 -0.66
N ARG A 384 26.48 -18.74 -1.78
CA ARG A 384 25.77 -18.93 -3.04
C ARG A 384 26.29 -20.05 -3.94
N ILE A 385 25.33 -20.71 -4.61
CA ILE A 385 25.59 -21.73 -5.59
C ILE A 385 25.68 -21.09 -6.98
N ASP A 386 26.69 -21.49 -7.75
CA ASP A 386 26.89 -20.97 -9.11
C ASP A 386 25.73 -21.26 -10.05
N ASP A 387 25.40 -22.54 -10.22
CA ASP A 387 24.35 -22.91 -11.16
C ASP A 387 22.98 -22.67 -10.53
N PHE A 388 22.25 -21.71 -11.10
CA PHE A 388 20.89 -21.37 -10.66
C PHE A 388 20.03 -22.61 -10.43
N ALA A 389 20.06 -23.53 -11.40
CA ALA A 389 19.26 -24.76 -11.36
C ALA A 389 19.52 -25.61 -10.12
N GLU A 390 20.80 -25.83 -9.80
CA GLU A 390 21.18 -26.57 -8.60
C GLU A 390 20.67 -25.82 -7.36
N TRP A 391 21.03 -24.54 -7.25
CA TRP A 391 20.58 -23.72 -6.12
C TRP A 391 19.11 -23.99 -5.82
N LEU A 392 18.30 -23.92 -6.88
CA LEU A 392 16.85 -24.00 -6.79
C LEU A 392 16.34 -25.35 -6.29
N GLN A 393 16.96 -26.44 -6.76
CA GLN A 393 16.63 -27.78 -6.30
C GLN A 393 16.96 -27.91 -4.81
N ARG A 394 18.14 -27.46 -4.43
CA ARG A 394 18.61 -27.49 -3.04
C ARG A 394 17.78 -26.58 -2.14
N PHE A 395 17.51 -25.37 -2.62
CA PHE A 395 16.71 -24.35 -1.90
C PHE A 395 15.35 -24.91 -1.52
N GLU A 396 14.64 -25.47 -2.49
CA GLU A 396 13.33 -26.09 -2.28
C GLU A 396 13.42 -27.24 -1.28
N ALA A 397 14.40 -28.11 -1.46
CA ALA A 397 14.64 -29.24 -0.54
C ALA A 397 14.89 -28.75 0.89
N SER A 398 15.78 -27.76 1.02
CA SER A 398 16.16 -27.22 2.33
C SER A 398 15.01 -26.51 3.06
N LEU A 399 14.17 -25.81 2.30
CA LEU A 399 12.96 -25.20 2.87
C LEU A 399 12.02 -26.26 3.46
N GLY A 400 11.94 -27.41 2.79
CA GLY A 400 11.15 -28.54 3.28
C GLY A 400 11.65 -29.14 4.58
N ALA A 401 12.91 -28.84 4.93
CA ALA A 401 13.54 -29.39 6.12
C ALA A 401 13.43 -28.47 7.33
N LEU A 402 12.89 -27.27 7.11
CA LEU A 402 12.77 -26.26 8.17
C LEU A 402 11.64 -26.63 9.13
N PRO A 403 11.64 -26.01 10.34
CA PRO A 403 10.54 -26.18 11.28
C PRO A 403 9.22 -25.59 10.73
N ASP A 404 8.11 -26.20 11.15
CA ASP A 404 6.74 -25.87 10.72
C ASP A 404 6.47 -24.39 10.50
N ARG A 405 6.67 -23.58 11.54
CA ARG A 405 6.39 -22.15 11.50
C ARG A 405 7.21 -21.46 10.42
N GLN A 406 8.52 -21.71 10.42
CA GLN A 406 9.43 -21.12 9.44
C GLN A 406 8.99 -21.44 8.02
N ARG A 407 8.84 -22.73 7.74
CA ARG A 407 8.40 -23.23 6.44
C ARG A 407 7.12 -22.51 5.97
N ARG A 408 6.22 -22.23 6.90
CA ARG A 408 4.93 -21.62 6.63
C ARG A 408 5.07 -20.15 6.21
N HIS A 409 6.00 -19.45 6.86
CA HIS A 409 6.25 -18.03 6.62
C HIS A 409 7.37 -17.81 5.61
N SER A 410 7.81 -18.89 4.98
CA SER A 410 8.86 -18.82 3.98
C SER A 410 8.25 -18.61 2.60
N VAL A 411 9.09 -18.75 1.57
CA VAL A 411 8.68 -18.68 0.17
C VAL A 411 8.22 -20.05 -0.38
N LEU A 412 8.39 -21.11 0.41
CA LEU A 412 8.05 -22.48 -0.04
C LEU A 412 6.58 -22.68 -0.47
N PRO A 413 5.59 -22.13 0.28
CA PRO A 413 4.21 -22.26 -0.20
C PRO A 413 4.03 -21.71 -1.61
N MSE A 414 4.65 -20.55 -1.90
CA MSE A 414 4.54 -19.89 -3.21
C MSE A 414 5.00 -20.74 -4.41
O MSE A 414 5.00 -20.26 -5.55
CB MSE A 414 5.29 -18.55 -3.20
CG MSE A 414 4.85 -17.59 -2.10
SE MSE A 414 5.73 -15.82 -2.11
CE MSE A 414 4.78 -14.98 -3.59
N LEU A 415 5.36 -22.01 -4.16
CA LEU A 415 5.66 -23.00 -5.19
C LEU A 415 4.57 -23.13 -6.28
N LEU A 416 5.03 -23.35 -7.52
CA LEU A 416 4.14 -23.54 -8.66
C LEU A 416 4.83 -24.35 -9.75
N ASN A 419 10.67 -20.65 -10.49
CA ASN A 419 10.44 -21.17 -11.83
C ASN A 419 11.73 -21.20 -12.66
N SER A 420 12.22 -20.02 -13.03
CA SER A 420 13.47 -19.87 -13.78
C SER A 420 14.11 -18.50 -13.51
N GLN A 421 15.37 -18.34 -13.93
CA GLN A 421 16.10 -17.08 -13.74
C GLN A 421 15.27 -15.89 -14.22
N ARG A 422 15.32 -14.79 -13.48
CA ARG A 422 14.50 -13.60 -13.78
C ARG A 422 14.87 -12.96 -15.14
N LEU A 423 14.56 -11.67 -15.33
CA LEU A 423 14.92 -10.98 -16.58
C LEU A 423 15.18 -9.50 -16.39
N GLN A 424 16.45 -9.12 -16.47
CA GLN A 424 16.88 -7.71 -16.46
C GLN A 424 18.39 -7.62 -16.68
N GLY A 431 10.70 0.76 -11.77
CA GLY A 431 11.68 0.41 -12.79
C GLY A 431 11.51 1.24 -14.06
N CYS A 432 11.74 0.60 -15.19
CA CYS A 432 11.56 1.24 -16.49
C CYS A 432 10.35 0.62 -17.21
N SER A 433 9.60 -0.21 -16.49
CA SER A 433 8.39 -0.82 -17.02
C SER A 433 7.26 0.23 -17.06
N ALA A 434 6.83 0.64 -15.86
CA ALA A 434 5.75 1.60 -15.71
C ALA A 434 6.31 3.01 -15.48
N PRO A 435 5.69 4.02 -16.09
CA PRO A 435 6.24 5.36 -15.97
C PRO A 435 5.89 5.99 -14.62
N THR A 436 6.70 6.94 -14.19
CA THR A 436 6.58 7.58 -12.89
C THR A 436 6.61 9.10 -12.99
N ASP A 437 6.39 9.65 -14.18
CA ASP A 437 6.56 11.08 -14.44
C ASP A 437 5.78 11.96 -13.43
N ARG A 438 4.51 11.63 -13.20
CA ARG A 438 3.64 12.44 -12.35
C ARG A 438 4.01 12.34 -10.88
N PHE A 439 4.27 11.14 -10.40
CA PHE A 439 4.65 10.96 -9.00
C PHE A 439 6.00 11.59 -8.72
N ARG A 440 6.94 11.41 -9.62
CA ARG A 440 8.26 12.00 -9.43
C ARG A 440 8.24 13.52 -9.38
N ALA A 441 7.44 14.13 -10.24
CA ALA A 441 7.37 15.58 -10.28
C ALA A 441 6.70 16.07 -9.01
N ALA A 442 5.70 15.33 -8.54
CA ALA A 442 4.96 15.69 -7.34
C ALA A 442 5.85 15.58 -6.10
N VAL A 443 6.71 14.56 -6.06
CA VAL A 443 7.66 14.37 -4.95
C VAL A 443 8.64 15.53 -4.88
N ARG A 444 9.17 15.93 -6.03
CA ARG A 444 10.11 17.06 -6.08
C ARG A 444 9.41 18.37 -5.78
N ALA A 445 8.20 18.54 -6.31
CA ALA A 445 7.45 19.79 -6.10
C ALA A 445 7.00 20.02 -4.66
N ALA A 446 6.50 18.96 -4.02
CA ALA A 446 6.03 19.05 -2.64
C ALA A 446 7.16 18.85 -1.62
N LYS A 447 8.37 18.61 -2.12
CA LYS A 447 9.57 18.36 -1.30
C LYS A 447 9.36 17.23 -0.29
N VAL A 448 8.89 16.09 -0.79
CA VAL A 448 8.62 14.90 0.00
C VAL A 448 9.95 14.21 0.40
N GLY A 449 10.13 14.02 1.71
CA GLY A 449 11.32 13.34 2.24
C GLY A 449 12.17 14.21 3.15
N SER A 450 13.22 13.62 3.71
CA SER A 450 14.15 14.32 4.61
C SER A 450 14.94 15.42 3.91
N ASP A 451 15.52 15.07 2.75
CA ASP A 451 16.37 15.98 1.96
C ASP A 451 15.51 17.02 1.26
N LYS A 452 15.31 18.17 1.92
CA LYS A 452 14.46 19.25 1.41
C LYS A 452 15.09 20.09 0.30
N ASP A 453 16.37 19.86 0.03
CA ASP A 453 17.07 20.61 -1.02
C ASP A 453 17.07 19.88 -2.36
N ASN A 454 17.36 18.58 -2.33
CA ASN A 454 17.27 17.73 -3.51
C ASN A 454 16.26 16.59 -3.29
N PRO A 455 14.95 16.92 -3.29
CA PRO A 455 13.93 15.91 -2.99
C PRO A 455 13.70 14.98 -4.16
N ASP A 456 13.80 13.69 -3.93
CA ASP A 456 13.62 12.73 -4.99
C ASP A 456 13.17 11.41 -4.39
N ILE A 457 12.76 10.50 -5.27
CA ILE A 457 12.46 9.14 -4.86
C ILE A 457 13.76 8.50 -4.38
N PRO A 458 13.76 7.94 -3.16
CA PRO A 458 14.97 7.31 -2.64
C PRO A 458 15.36 6.02 -3.36
N HIS A 459 16.61 5.61 -3.12
CA HIS A 459 17.13 4.32 -3.51
C HIS A 459 17.12 3.43 -2.27
N VAL A 460 17.01 2.14 -2.49
CA VAL A 460 17.14 1.16 -1.44
C VAL A 460 18.64 1.03 -1.12
N SER A 461 18.98 1.10 0.17
CA SER A 461 20.35 0.87 0.62
C SER A 461 20.43 -0.32 1.59
N ALA A 462 21.66 -0.67 1.97
CA ALA A 462 21.95 -1.88 2.76
C ALA A 462 21.26 -1.95 4.11
N PRO A 463 21.21 -0.84 4.88
CA PRO A 463 20.59 -0.95 6.22
C PRO A 463 19.12 -1.39 6.19
N THR A 464 18.43 -1.10 5.10
CA THR A 464 17.04 -1.51 4.94
C THR A 464 16.95 -3.03 4.86
N ILE A 465 17.77 -3.62 4.02
CA ILE A 465 17.77 -5.08 3.85
C ILE A 465 18.17 -5.77 5.17
N ILE A 466 19.23 -5.28 5.79
CA ILE A 466 19.73 -5.86 7.03
C ILE A 466 18.68 -5.77 8.11
N ASN A 467 17.89 -4.69 8.09
CA ASN A 467 16.78 -4.53 9.02
C ASN A 467 15.72 -5.64 8.94
N TYR A 468 15.56 -6.26 7.76
CA TYR A 468 14.65 -7.40 7.62
C TYR A 468 15.06 -8.56 8.52
N VAL A 469 16.35 -8.91 8.50
CA VAL A 469 16.82 -10.01 9.33
C VAL A 469 16.77 -9.63 10.82
N THR A 470 17.22 -8.42 11.15
CA THR A 470 17.05 -7.87 12.49
C THR A 470 15.61 -8.02 12.99
N ASN A 471 14.65 -7.57 12.19
CA ASN A 471 13.24 -7.66 12.55
C ASN A 471 12.76 -9.10 12.69
N LEU A 472 13.24 -9.98 11.80
CA LEU A 472 12.77 -11.36 11.83
C LEU A 472 13.25 -12.08 13.10
N GLN A 473 14.43 -11.66 13.59
CA GLN A 473 14.99 -12.20 14.82
C GLN A 473 14.19 -11.76 16.04
N LEU A 474 13.89 -10.47 16.15
CA LEU A 474 13.04 -9.95 17.22
C LEU A 474 11.65 -10.59 17.20
N LEU A 475 11.17 -10.96 16.01
CA LEU A 475 9.86 -11.62 15.88
C LEU A 475 9.92 -13.13 16.10
N GLY A 476 11.12 -13.64 16.41
CA GLY A 476 11.31 -15.06 16.72
C GLY A 476 11.48 -16.03 15.55
N LEU A 477 11.26 -15.53 14.33
CA LEU A 477 11.27 -16.39 13.15
C LEU A 477 12.65 -16.83 12.69
N LEU A 478 13.67 -16.10 13.14
CA LEU A 478 15.07 -16.51 12.97
C LEU A 478 15.77 -16.44 14.32
#